data_2KBL
#
_entry.id   2KBL
#
_entity_poly.entity_id   1
_entity_poly.type   'polypeptide(L)'
_entity_poly.pdbx_seq_one_letter_code
;GSGYIPRAPRDGQAYVRKDGEWVLLSTFL
;
_entity_poly.pdbx_strand_id   A
#
# COMPACT_ATOMS: atom_id res chain seq x y z
N GLY A 3 -5.33 0.78 14.48
CA GLY A 3 -4.82 -0.58 14.13
C GLY A 3 -3.34 -0.58 13.83
N TYR A 4 -2.76 -1.77 13.74
CA TYR A 4 -1.34 -1.90 13.45
C TYR A 4 -1.07 -1.89 11.95
N ILE A 5 0.01 -1.22 11.55
CA ILE A 5 0.38 -1.13 10.14
C ILE A 5 1.23 -2.33 9.74
N PRO A 6 0.70 -3.20 8.86
CA PRO A 6 1.42 -4.40 8.39
C PRO A 6 2.62 -4.06 7.52
N ARG A 7 3.40 -5.08 7.18
CA ARG A 7 4.58 -4.89 6.33
C ARG A 7 4.16 -4.37 4.97
N ALA A 8 4.86 -3.36 4.48
CA ALA A 8 4.57 -2.76 3.18
C ALA A 8 5.50 -3.25 2.08
N PRO A 9 5.03 -4.17 1.22
CA PRO A 9 5.82 -4.69 0.11
C PRO A 9 5.82 -3.69 -1.06
N ARG A 10 6.34 -2.51 -0.79
CA ARG A 10 6.39 -1.42 -1.77
C ARG A 10 7.51 -1.59 -2.78
N ASP A 11 8.03 -2.76 -2.77
CA ASP A 11 9.11 -3.15 -3.67
C ASP A 11 8.55 -3.72 -4.97
N GLY A 12 7.84 -2.86 -5.69
CA GLY A 12 7.22 -3.25 -6.94
C GLY A 12 5.74 -2.99 -6.94
N GLN A 13 5.22 -2.53 -5.80
CA GLN A 13 3.84 -2.22 -5.63
C GLN A 13 3.72 -0.93 -4.85
N ALA A 14 3.41 0.14 -5.56
CA ALA A 14 3.26 1.45 -4.96
C ALA A 14 2.05 1.48 -4.07
N TYR A 15 2.25 1.25 -2.79
CA TYR A 15 1.14 1.20 -1.86
C TYR A 15 0.84 2.57 -1.26
N VAL A 16 -0.39 3.03 -1.53
CA VAL A 16 -0.87 4.29 -1.01
C VAL A 16 -1.31 4.08 0.42
N ARG A 17 -1.25 5.17 1.19
CA ARG A 17 -1.61 5.12 2.60
C ARG A 17 -3.10 5.23 2.85
N LYS A 18 -3.62 4.21 3.51
CA LYS A 18 -5.02 4.17 3.91
C LYS A 18 -5.04 3.78 5.38
N ASP A 19 -6.20 3.79 6.01
CA ASP A 19 -6.27 3.44 7.42
C ASP A 19 -5.88 2.00 7.65
N GLY A 20 -4.65 1.90 8.08
CA GLY A 20 -4.03 0.61 8.36
C GLY A 20 -4.01 -0.31 7.16
N GLU A 21 -4.20 0.26 5.98
CA GLU A 21 -4.23 -0.53 4.75
C GLU A 21 -3.18 -0.11 3.74
N TRP A 22 -2.63 -1.10 3.06
CA TRP A 22 -1.65 -0.88 2.01
C TRP A 22 -2.28 -1.30 0.71
N VAL A 23 -2.24 -0.39 -0.24
CA VAL A 23 -2.91 -0.63 -1.51
C VAL A 23 -2.09 -0.18 -2.70
N LEU A 24 -2.03 -1.02 -3.73
CA LEU A 24 -1.29 -0.70 -4.93
C LEU A 24 -2.07 0.36 -5.68
N LEU A 25 -1.41 1.43 -6.09
CA LEU A 25 -2.11 2.51 -6.76
C LEU A 25 -1.81 2.58 -8.25
N SER A 26 -0.60 2.16 -8.62
CA SER A 26 -0.15 2.21 -10.02
C SER A 26 -1.23 1.72 -10.96
N THR A 27 -1.84 0.63 -10.55
CA THR A 27 -2.88 -0.02 -11.32
C THR A 27 -3.98 0.95 -11.73
N PHE A 28 -4.26 1.92 -10.87
CA PHE A 28 -5.30 2.92 -11.11
C PHE A 28 -4.94 3.82 -12.29
N LEU A 29 -3.73 4.35 -12.27
CA LEU A 29 -3.25 5.23 -13.32
C LEU A 29 -2.35 4.50 -14.30
N GLY A 3 -5.12 -0.12 15.99
CA GLY A 3 -4.78 0.20 14.57
C GLY A 3 -3.32 -0.05 14.27
N TYR A 4 -3.01 -1.26 13.81
CA TYR A 4 -1.63 -1.61 13.48
C TYR A 4 -1.39 -1.49 11.98
N ILE A 5 -0.26 -0.91 11.63
CA ILE A 5 0.12 -0.75 10.22
C ILE A 5 1.07 -1.89 9.83
N PRO A 6 0.59 -2.83 8.99
CA PRO A 6 1.40 -3.97 8.57
C PRO A 6 2.61 -3.56 7.73
N ARG A 7 3.47 -4.52 7.44
CA ARG A 7 4.67 -4.28 6.63
C ARG A 7 4.29 -4.05 5.17
N ALA A 8 4.83 -2.98 4.59
CA ALA A 8 4.53 -2.65 3.20
C ALA A 8 5.59 -3.20 2.26
N PRO A 9 5.28 -4.30 1.55
CA PRO A 9 6.19 -4.91 0.61
C PRO A 9 6.07 -4.25 -0.77
N ARG A 10 6.25 -2.95 -0.79
CA ARG A 10 6.15 -2.19 -2.02
C ARG A 10 7.44 -2.21 -2.79
N ASP A 11 7.71 -3.37 -3.28
CA ASP A 11 8.88 -3.62 -4.09
C ASP A 11 8.43 -4.01 -5.49
N GLY A 12 7.99 -3.01 -6.24
CA GLY A 12 7.48 -3.26 -7.58
C GLY A 12 5.98 -3.01 -7.64
N GLN A 13 5.43 -2.59 -6.51
CA GLN A 13 4.03 -2.29 -6.36
C GLN A 13 3.88 -1.14 -5.36
N ALA A 14 3.62 0.02 -5.89
CA ALA A 14 3.48 1.23 -5.09
C ALA A 14 2.29 1.17 -4.15
N TYR A 15 2.54 0.98 -2.86
CA TYR A 15 1.45 0.94 -1.90
C TYR A 15 1.22 2.29 -1.25
N VAL A 16 0.01 2.81 -1.42
CA VAL A 16 -0.40 4.07 -0.84
C VAL A 16 -0.97 3.83 0.54
N ARG A 17 -0.97 4.87 1.34
CA ARG A 17 -1.48 4.79 2.71
C ARG A 17 -3.00 4.81 2.74
N LYS A 18 -3.55 3.84 3.43
CA LYS A 18 -4.99 3.74 3.60
C LYS A 18 -5.24 3.46 5.07
N ASP A 19 -6.50 3.33 5.48
CA ASP A 19 -6.76 3.05 6.88
C ASP A 19 -6.35 1.66 7.25
N GLY A 20 -5.17 1.65 7.80
CA GLY A 20 -4.52 0.44 8.23
C GLY A 20 -4.33 -0.57 7.12
N GLU A 21 -4.45 -0.12 5.87
CA GLU A 21 -4.31 -1.01 4.72
C GLU A 21 -3.23 -0.55 3.76
N TRP A 22 -2.59 -1.50 3.09
CA TRP A 22 -1.57 -1.20 2.07
C TRP A 22 -2.16 -1.56 0.73
N VAL A 23 -2.13 -0.59 -0.17
CA VAL A 23 -2.78 -0.76 -1.47
C VAL A 23 -1.91 -0.31 -2.64
N LEU A 24 -1.96 -1.08 -3.72
CA LEU A 24 -1.23 -0.73 -4.92
C LEU A 24 -1.96 0.42 -5.59
N LEU A 25 -1.23 1.45 -6.03
CA LEU A 25 -1.89 2.61 -6.61
C LEU A 25 -1.63 2.77 -8.09
N SER A 26 -0.49 2.25 -8.54
CA SER A 26 -0.08 2.36 -9.95
C SER A 26 -1.24 2.09 -10.89
N THR A 27 -1.94 1.04 -10.55
CA THR A 27 -3.08 0.56 -11.31
C THR A 27 -4.24 1.56 -11.41
N PHE A 28 -4.26 2.51 -10.49
CA PHE A 28 -5.32 3.52 -10.42
C PHE A 28 -5.11 4.60 -11.48
N LEU A 29 -3.87 4.70 -11.96
CA LEU A 29 -3.55 5.70 -12.95
C LEU A 29 -2.63 5.13 -14.04
N GLY A 3 -4.61 -1.42 15.77
CA GLY A 3 -3.34 -2.13 15.46
C GLY A 3 -2.36 -1.24 14.74
N TYR A 4 -1.18 -1.78 14.44
CA TYR A 4 -0.14 -1.02 13.75
C TYR A 4 -0.26 -1.20 12.26
N ILE A 5 0.47 -0.40 11.51
CA ILE A 5 0.44 -0.47 10.08
C ILE A 5 1.33 -1.63 9.60
N PRO A 6 0.77 -2.55 8.81
CA PRO A 6 1.52 -3.71 8.32
C PRO A 6 2.73 -3.33 7.46
N ARG A 7 3.55 -4.31 7.14
CA ARG A 7 4.73 -4.07 6.31
C ARG A 7 4.32 -3.79 4.87
N ALA A 8 4.78 -2.67 4.32
CA ALA A 8 4.46 -2.32 2.95
C ALA A 8 5.44 -2.97 1.97
N PRO A 9 4.96 -3.93 1.16
CA PRO A 9 5.79 -4.61 0.17
C PRO A 9 5.89 -3.80 -1.11
N ARG A 10 6.37 -2.57 -0.97
CA ARG A 10 6.47 -1.64 -2.07
C ARG A 10 7.77 -1.74 -2.82
N ASP A 11 7.96 -2.87 -3.40
CA ASP A 11 9.12 -3.15 -4.21
C ASP A 11 8.80 -2.84 -5.67
N GLY A 12 7.84 -3.55 -6.21
CA GLY A 12 7.37 -3.32 -7.55
C GLY A 12 5.88 -3.11 -7.50
N GLN A 13 5.44 -2.72 -6.31
CA GLN A 13 4.04 -2.49 -6.02
C GLN A 13 3.92 -1.28 -5.12
N ALA A 14 3.55 -0.16 -5.70
CA ALA A 14 3.38 1.08 -4.96
C ALA A 14 2.18 1.00 -4.04
N TYR A 15 2.37 1.18 -2.74
CA TYR A 15 1.24 1.12 -1.81
C TYR A 15 0.88 2.49 -1.25
N VAL A 16 -0.39 2.86 -1.41
CA VAL A 16 -0.91 4.12 -0.93
C VAL A 16 -1.56 3.91 0.43
N ARG A 17 -1.95 5.00 1.08
CA ARG A 17 -2.56 4.95 2.40
C ARG A 17 -4.08 4.85 2.33
N LYS A 18 -4.60 3.75 2.88
CA LYS A 18 -6.04 3.55 2.95
C LYS A 18 -6.42 3.45 4.40
N ASP A 19 -7.68 3.18 4.72
CA ASP A 19 -8.08 3.08 6.11
C ASP A 19 -7.41 1.93 6.80
N GLY A 20 -6.33 2.30 7.44
CA GLY A 20 -5.49 1.38 8.18
C GLY A 20 -4.90 0.26 7.32
N GLU A 21 -5.06 0.37 6.00
CA GLU A 21 -4.58 -0.68 5.08
C GLU A 21 -3.62 -0.17 4.01
N TRP A 22 -2.76 -1.06 3.53
CA TRP A 22 -1.85 -0.75 2.43
C TRP A 22 -2.47 -1.28 1.16
N VAL A 23 -2.33 -0.51 0.10
CA VAL A 23 -2.93 -0.86 -1.17
C VAL A 23 -2.06 -0.50 -2.36
N LEU A 24 -2.04 -1.35 -3.38
CA LEU A 24 -1.28 -1.08 -4.57
C LEU A 24 -2.01 0.02 -5.34
N LEU A 25 -1.29 1.06 -5.78
CA LEU A 25 -1.94 2.16 -6.44
C LEU A 25 -1.48 2.37 -7.87
N SER A 26 -0.24 1.99 -8.15
CA SER A 26 0.37 2.16 -9.49
C SER A 26 -0.61 1.89 -10.61
N THR A 27 -1.23 0.74 -10.52
CA THR A 27 -2.19 0.27 -11.50
C THR A 27 -3.32 1.26 -11.74
N PHE A 28 -3.72 1.94 -10.68
CA PHE A 28 -4.81 2.92 -10.72
C PHE A 28 -4.51 4.08 -11.68
N LEU A 29 -3.22 4.38 -11.87
CA LEU A 29 -2.82 5.48 -12.74
C LEU A 29 -2.43 4.95 -14.12
N GLY A 3 -1.28 3.19 12.59
CA GLY A 3 -0.21 2.47 13.30
C GLY A 3 0.62 1.61 12.37
N TYR A 4 1.19 0.54 12.90
CA TYR A 4 2.01 -0.35 12.10
C TYR A 4 1.15 -1.35 11.34
N ILE A 5 1.13 -1.22 10.02
CA ILE A 5 0.38 -2.11 9.17
C ILE A 5 1.36 -3.12 8.58
N PRO A 6 0.97 -4.40 8.48
CA PRO A 6 1.86 -5.48 8.02
C PRO A 6 1.99 -5.71 6.52
N ARG A 7 0.91 -5.64 5.78
CA ARG A 7 0.96 -5.93 4.35
C ARG A 7 1.45 -4.76 3.50
N ALA A 8 2.51 -4.08 3.97
CA ALA A 8 3.07 -2.95 3.22
C ALA A 8 4.38 -3.29 2.51
N PRO A 9 4.33 -3.73 1.24
CA PRO A 9 5.54 -4.02 0.48
C PRO A 9 6.07 -2.76 -0.21
N ARG A 10 7.39 -2.62 -0.22
CA ARG A 10 8.04 -1.46 -0.79
C ARG A 10 8.88 -1.82 -1.99
N ASP A 11 8.49 -2.90 -2.59
CA ASP A 11 9.20 -3.43 -3.75
C ASP A 11 8.66 -2.93 -5.07
N GLY A 12 8.69 -1.62 -5.26
CA GLY A 12 8.24 -1.02 -6.50
C GLY A 12 6.74 -0.98 -6.60
N GLN A 13 6.07 -1.14 -5.46
CA GLN A 13 4.64 -1.11 -5.38
C GLN A 13 4.24 -0.05 -4.37
N ALA A 14 3.72 1.01 -4.93
CA ALA A 14 3.29 2.17 -4.17
C ALA A 14 1.99 1.90 -3.43
N TYR A 15 2.08 1.67 -2.12
CA TYR A 15 0.88 1.41 -1.34
C TYR A 15 0.33 2.65 -0.68
N VAL A 16 -0.89 3.00 -1.05
CA VAL A 16 -1.58 4.15 -0.49
C VAL A 16 -2.24 3.74 0.81
N ARG A 17 -2.60 4.73 1.61
CA ARG A 17 -3.20 4.47 2.91
C ARG A 17 -4.72 4.29 2.83
N LYS A 18 -5.16 3.22 3.48
CA LYS A 18 -6.58 2.89 3.61
C LYS A 18 -6.83 2.66 5.08
N ASP A 19 -8.07 2.47 5.48
CA ASP A 19 -8.34 2.23 6.88
C ASP A 19 -7.82 0.87 7.27
N GLY A 20 -6.66 0.93 7.85
CA GLY A 20 -5.95 -0.25 8.31
C GLY A 20 -5.48 -1.16 7.18
N GLU A 21 -5.58 -0.69 5.94
CA GLU A 21 -5.19 -1.50 4.80
C GLU A 21 -4.14 -0.83 3.90
N TRP A 22 -3.29 -1.66 3.31
CA TRP A 22 -2.30 -1.18 2.35
C TRP A 22 -2.73 -1.64 0.99
N VAL A 23 -2.60 -0.74 0.03
CA VAL A 23 -3.07 -0.99 -1.33
C VAL A 23 -2.14 -0.41 -2.39
N LEU A 24 -1.92 -1.16 -3.45
CA LEU A 24 -1.09 -0.69 -4.54
C LEU A 24 -1.90 0.34 -5.31
N LEU A 25 -1.29 1.48 -5.65
CA LEU A 25 -2.03 2.53 -6.32
C LEU A 25 -1.52 2.78 -7.74
N SER A 26 -0.22 2.57 -7.95
CA SER A 26 0.41 2.79 -9.26
C SER A 26 -0.41 2.17 -10.37
N THR A 27 -0.86 0.97 -10.09
CA THR A 27 -1.65 0.17 -11.01
C THR A 27 -2.85 0.93 -11.55
N PHE A 28 -3.44 1.75 -10.71
CA PHE A 28 -4.63 2.53 -11.05
C PHE A 28 -4.36 3.52 -12.19
N LEU A 29 -3.09 3.76 -12.49
CA LEU A 29 -2.72 4.70 -13.55
C LEU A 29 -2.38 3.97 -14.85
N GLY A 3 -4.90 1.49 15.66
CA GLY A 3 -4.56 1.16 14.27
C GLY A 3 -3.17 0.58 14.13
N TYR A 4 -2.96 -0.25 13.11
CA TYR A 4 -1.67 -0.87 12.87
C TYR A 4 -1.35 -0.85 11.39
N ILE A 5 -0.13 -0.44 11.06
CA ILE A 5 0.31 -0.41 9.67
C ILE A 5 1.28 -1.55 9.40
N PRO A 6 0.84 -2.58 8.64
CA PRO A 6 1.67 -3.76 8.32
C PRO A 6 2.87 -3.41 7.44
N ARG A 7 3.71 -4.40 7.20
CA ARG A 7 4.89 -4.20 6.35
C ARG A 7 4.45 -4.02 4.90
N ALA A 8 4.80 -2.88 4.33
CA ALA A 8 4.44 -2.57 2.95
C ALA A 8 5.21 -3.42 1.96
N PRO A 9 4.51 -4.27 1.20
CA PRO A 9 5.13 -5.12 0.19
C PRO A 9 5.28 -4.37 -1.13
N ARG A 10 5.93 -3.22 -1.05
CA ARG A 10 6.12 -2.37 -2.20
C ARG A 10 7.40 -2.68 -2.94
N ASP A 11 7.40 -3.85 -3.52
CA ASP A 11 8.50 -4.34 -4.32
C ASP A 11 8.27 -4.02 -5.79
N GLY A 12 8.34 -2.73 -6.10
CA GLY A 12 8.10 -2.27 -7.46
C GLY A 12 6.62 -2.09 -7.71
N GLN A 13 5.88 -1.93 -6.62
CA GLN A 13 4.47 -1.76 -6.62
C GLN A 13 4.12 -0.77 -5.52
N ALA A 14 3.62 0.37 -5.91
CA ALA A 14 3.30 1.43 -4.96
C ALA A 14 2.05 1.12 -4.15
N TYR A 15 2.15 1.32 -2.84
CA TYR A 15 1.03 1.08 -1.95
C TYR A 15 0.60 2.37 -1.26
N VAL A 16 -0.67 2.73 -1.43
CA VAL A 16 -1.21 3.92 -0.80
C VAL A 16 -1.63 3.59 0.62
N ARG A 17 -1.69 4.60 1.46
CA ARG A 17 -2.04 4.40 2.86
C ARG A 17 -3.54 4.51 3.13
N LYS A 18 -4.09 3.44 3.67
CA LYS A 18 -5.49 3.40 4.06
C LYS A 18 -5.53 3.02 5.52
N ASP A 19 -6.72 2.81 6.07
CA ASP A 19 -6.81 2.46 7.47
C ASP A 19 -6.25 1.08 7.71
N GLY A 20 -5.03 1.12 8.17
CA GLY A 20 -4.27 -0.09 8.48
C GLY A 20 -4.13 -1.02 7.29
N GLU A 21 -4.39 -0.51 6.08
CA GLU A 21 -4.33 -1.31 4.88
C GLU A 21 -3.35 -0.77 3.84
N TRP A 22 -2.70 -1.68 3.14
CA TRP A 22 -1.81 -1.31 2.03
C TRP A 22 -2.50 -1.69 0.76
N VAL A 23 -2.44 -0.79 -0.21
CA VAL A 23 -3.12 -0.97 -1.47
C VAL A 23 -2.29 -0.52 -2.66
N LEU A 24 -2.28 -1.33 -3.69
CA LEU A 24 -1.54 -1.02 -4.90
C LEU A 24 -2.19 0.19 -5.53
N LEU A 25 -1.43 1.22 -5.85
CA LEU A 25 -2.04 2.41 -6.39
C LEU A 25 -1.50 2.76 -7.78
N SER A 26 -0.24 2.43 -8.02
CA SER A 26 0.41 2.71 -9.30
C SER A 26 -0.47 2.28 -10.44
N THR A 27 -1.05 1.11 -10.24
CA THR A 27 -1.95 0.50 -11.19
C THR A 27 -3.11 1.45 -11.54
N PHE A 28 -3.65 2.08 -10.51
CA PHE A 28 -4.76 3.02 -10.65
C PHE A 28 -4.41 4.19 -11.57
N LEU A 29 -3.21 4.71 -11.39
CA LEU A 29 -2.74 5.87 -12.16
C LEU A 29 -2.15 5.44 -13.51
N GLY A 3 -5.23 1.87 12.46
CA GLY A 3 -4.79 1.17 13.69
C GLY A 3 -3.46 0.48 13.50
N TYR A 4 -3.50 -0.79 13.16
CA TYR A 4 -2.29 -1.58 12.94
C TYR A 4 -1.90 -1.57 11.47
N ILE A 5 -0.72 -1.03 11.17
CA ILE A 5 -0.22 -0.98 9.81
C ILE A 5 0.66 -2.20 9.54
N PRO A 6 0.17 -3.15 8.71
CA PRO A 6 0.93 -4.37 8.38
C PRO A 6 2.21 -4.07 7.59
N ARG A 7 2.90 -5.12 7.17
CA ARG A 7 4.13 -4.97 6.41
C ARG A 7 3.81 -4.78 4.94
N ALA A 8 4.44 -3.79 4.33
CA ALA A 8 4.21 -3.50 2.93
C ALA A 8 5.28 -4.10 2.05
N PRO A 9 4.89 -4.95 1.10
CA PRO A 9 5.80 -5.55 0.14
C PRO A 9 5.96 -4.63 -1.06
N ARG A 10 6.21 -3.36 -0.77
CA ARG A 10 6.33 -2.35 -1.78
C ARG A 10 7.71 -2.23 -2.36
N ASP A 11 8.06 -3.25 -3.08
CA ASP A 11 9.32 -3.32 -3.77
C ASP A 11 9.18 -2.71 -5.15
N GLY A 12 8.61 -3.44 -6.08
CA GLY A 12 8.37 -2.91 -7.40
C GLY A 12 6.91 -2.55 -7.56
N GLN A 13 6.26 -2.39 -6.42
CA GLN A 13 4.87 -2.05 -6.31
C GLN A 13 4.74 -0.96 -5.25
N ALA A 14 4.49 0.23 -5.71
CA ALA A 14 4.34 1.40 -4.84
C ALA A 14 3.08 1.32 -4.01
N TYR A 15 3.23 0.97 -2.74
CA TYR A 15 2.08 0.87 -1.86
C TYR A 15 1.99 2.05 -0.89
N VAL A 16 0.79 2.60 -0.79
CA VAL A 16 0.49 3.71 0.10
C VAL A 16 -0.52 3.24 1.13
N ARG A 17 -0.53 3.85 2.31
CA ARG A 17 -1.47 3.44 3.35
C ARG A 17 -2.81 4.13 3.19
N LYS A 18 -3.82 3.33 2.92
CA LYS A 18 -5.17 3.82 2.75
C LYS A 18 -5.97 3.51 4.00
N ASP A 19 -5.88 4.43 4.97
CA ASP A 19 -6.55 4.29 6.27
C ASP A 19 -5.92 3.22 7.12
N GLY A 20 -4.95 2.59 6.55
CA GLY A 20 -4.25 1.54 7.21
C GLY A 20 -3.94 0.36 6.32
N GLU A 21 -4.51 0.33 5.12
CA GLU A 21 -4.29 -0.78 4.21
C GLU A 21 -3.22 -0.45 3.19
N TRP A 22 -2.36 -1.41 2.90
CA TRP A 22 -1.34 -1.20 1.88
C TRP A 22 -1.90 -1.57 0.56
N VAL A 23 -1.87 -0.60 -0.31
CA VAL A 23 -2.42 -0.72 -1.61
C VAL A 23 -1.46 -0.20 -2.67
N LEU A 24 -1.51 -0.78 -3.85
CA LEU A 24 -0.67 -0.36 -4.94
C LEU A 24 -1.26 0.90 -5.56
N LEU A 25 -0.44 1.80 -6.07
CA LEU A 25 -0.97 3.04 -6.62
C LEU A 25 -1.43 2.88 -8.07
N SER A 26 -0.76 2.00 -8.80
CA SER A 26 -1.10 1.74 -10.21
C SER A 26 -2.58 1.53 -10.39
N THR A 27 -3.11 0.78 -9.47
CA THR A 27 -4.51 0.41 -9.45
C THR A 27 -5.44 1.62 -9.55
N PHE A 28 -5.02 2.72 -8.93
CA PHE A 28 -5.79 3.96 -8.90
C PHE A 28 -6.04 4.47 -10.31
N LEU A 29 -4.98 4.74 -11.04
CA LEU A 29 -5.07 5.26 -12.38
C LEU A 29 -4.25 4.41 -13.35
N GLY A 3 -5.15 1.88 15.24
CA GLY A 3 -5.06 1.22 13.93
C GLY A 3 -3.87 0.29 13.83
N TYR A 4 -3.83 -0.51 12.77
CA TYR A 4 -2.73 -1.46 12.57
C TYR A 4 -2.14 -1.31 11.18
N ILE A 5 -0.82 -1.15 11.12
CA ILE A 5 -0.15 -1.01 9.84
C ILE A 5 0.63 -2.27 9.48
N PRO A 6 0.13 -3.09 8.52
CA PRO A 6 0.81 -4.32 8.10
C PRO A 6 2.15 -4.04 7.42
N ARG A 7 2.81 -5.08 6.94
CA ARG A 7 4.09 -4.91 6.25
C ARG A 7 3.83 -4.46 4.82
N ALA A 8 4.61 -3.51 4.34
CA ALA A 8 4.43 -2.99 2.99
C ALA A 8 5.42 -3.58 1.99
N PRO A 9 4.93 -4.45 1.09
CA PRO A 9 5.76 -5.04 0.03
C PRO A 9 5.92 -4.06 -1.12
N ARG A 10 6.56 -2.94 -0.81
CA ARG A 10 6.77 -1.85 -1.76
C ARG A 10 7.91 -2.10 -2.72
N ASP A 11 8.30 -3.33 -2.73
CA ASP A 11 9.37 -3.81 -3.58
C ASP A 11 8.84 -4.23 -4.94
N GLY A 12 8.32 -3.25 -5.68
CA GLY A 12 7.76 -3.50 -6.99
C GLY A 12 6.29 -3.16 -7.07
N GLN A 13 5.78 -2.55 -6.00
CA GLN A 13 4.40 -2.16 -5.91
C GLN A 13 4.31 -0.94 -5.02
N ALA A 14 3.96 0.18 -5.62
CA ALA A 14 3.83 1.43 -4.89
C ALA A 14 2.60 1.41 -4.01
N TYR A 15 2.80 1.18 -2.73
CA TYR A 15 1.68 1.12 -1.80
C TYR A 15 1.48 2.42 -1.04
N VAL A 16 0.24 2.91 -1.09
CA VAL A 16 -0.15 4.11 -0.39
C VAL A 16 -0.77 3.73 0.94
N ARG A 17 -0.71 4.66 1.87
CA ARG A 17 -1.25 4.43 3.21
C ARG A 17 -2.78 4.55 3.24
N LYS A 18 -3.42 3.49 3.70
CA LYS A 18 -4.87 3.47 3.84
C LYS A 18 -5.23 3.27 5.31
N ASP A 19 -4.37 3.83 6.14
CA ASP A 19 -4.47 3.81 7.62
C ASP A 19 -4.32 2.43 8.24
N GLY A 20 -4.67 1.45 7.47
CA GLY A 20 -4.58 0.07 7.89
C GLY A 20 -4.38 -0.89 6.73
N GLU A 21 -4.48 -0.40 5.50
CA GLU A 21 -4.31 -1.25 4.33
C GLU A 21 -3.19 -0.73 3.43
N TRP A 22 -2.46 -1.64 2.83
CA TRP A 22 -1.42 -1.29 1.87
C TRP A 22 -1.93 -1.61 0.50
N VAL A 23 -1.97 -0.59 -0.31
CA VAL A 23 -2.55 -0.70 -1.61
C VAL A 23 -1.66 -0.15 -2.71
N LEU A 24 -1.69 -0.82 -3.85
CA LEU A 24 -0.94 -0.40 -5.00
C LEU A 24 -1.66 0.77 -5.63
N LEU A 25 -0.94 1.78 -6.07
CA LEU A 25 -1.60 2.95 -6.63
C LEU A 25 -1.68 2.89 -8.15
N SER A 26 -0.74 2.17 -8.75
CA SER A 26 -0.67 2.03 -10.21
C SER A 26 -2.04 1.81 -10.82
N THR A 27 -2.74 0.89 -10.22
CA THR A 27 -4.06 0.49 -10.64
C THR A 27 -5.04 1.66 -10.81
N PHE A 28 -4.87 2.68 -9.99
CA PHE A 28 -5.73 3.86 -10.01
C PHE A 28 -5.70 4.56 -11.37
N LEU A 29 -4.53 5.00 -11.78
CA LEU A 29 -4.38 5.69 -13.05
C LEU A 29 -3.37 4.97 -13.94
N GLY A 3 -6.31 -1.65 15.26
CA GLY A 3 -5.32 -2.25 14.32
C GLY A 3 -4.05 -1.45 14.23
N TYR A 4 -3.07 -1.96 13.50
CA TYR A 4 -1.80 -1.29 13.32
C TYR A 4 -1.41 -1.22 11.86
N ILE A 5 -0.30 -0.57 11.58
CA ILE A 5 0.20 -0.44 10.22
C ILE A 5 1.14 -1.58 9.88
N PRO A 6 0.72 -2.53 9.02
CA PRO A 6 1.55 -3.67 8.62
C PRO A 6 2.74 -3.26 7.76
N ARG A 7 3.60 -4.23 7.46
CA ARG A 7 4.78 -3.97 6.64
C ARG A 7 4.37 -3.76 5.18
N ALA A 8 4.90 -2.71 4.57
CA ALA A 8 4.58 -2.39 3.18
C ALA A 8 5.58 -3.02 2.21
N PRO A 9 5.15 -4.04 1.46
CA PRO A 9 5.98 -4.70 0.46
C PRO A 9 6.01 -3.90 -0.83
N ARG A 10 6.48 -2.66 -0.74
CA ARG A 10 6.55 -1.76 -1.87
C ARG A 10 7.79 -2.02 -2.69
N ASP A 11 7.78 -3.19 -3.26
CA ASP A 11 8.85 -3.66 -4.12
C ASP A 11 8.25 -4.07 -5.46
N GLY A 12 7.96 -3.06 -6.27
CA GLY A 12 7.33 -3.30 -7.55
C GLY A 12 5.83 -3.14 -7.46
N GLN A 13 5.37 -2.78 -6.28
CA GLN A 13 3.98 -2.56 -5.98
C GLN A 13 3.88 -1.30 -5.13
N ALA A 14 3.52 -0.21 -5.79
CA ALA A 14 3.39 1.08 -5.13
C ALA A 14 2.19 1.07 -4.20
N TYR A 15 2.41 0.98 -2.91
CA TYR A 15 1.31 0.95 -1.97
C TYR A 15 1.00 2.32 -1.39
N VAL A 16 -0.27 2.67 -1.45
CA VAL A 16 -0.75 3.94 -0.92
C VAL A 16 -1.33 3.71 0.47
N ARG A 17 -1.44 4.78 1.22
CA ARG A 17 -1.97 4.72 2.57
C ARG A 17 -3.49 4.66 2.56
N LYS A 18 -4.04 3.68 3.26
CA LYS A 18 -5.49 3.56 3.34
C LYS A 18 -5.90 3.57 4.81
N ASP A 19 -5.28 4.50 5.55
CA ASP A 19 -5.52 4.69 7.00
C ASP A 19 -5.09 3.53 7.86
N GLY A 20 -4.50 2.58 7.21
CA GLY A 20 -4.04 1.40 7.88
C GLY A 20 -3.77 0.26 6.93
N GLU A 21 -4.38 0.31 5.76
CA GLU A 21 -4.21 -0.75 4.77
C GLU A 21 -3.24 -0.36 3.67
N TRP A 22 -2.48 -1.34 3.21
CA TRP A 22 -1.53 -1.11 2.13
C TRP A 22 -2.14 -1.59 0.82
N VAL A 23 -2.11 -0.71 -0.17
CA VAL A 23 -2.76 -0.98 -1.45
C VAL A 23 -1.92 -0.58 -2.66
N LEU A 24 -1.90 -1.42 -3.68
CA LEU A 24 -1.18 -1.11 -4.89
C LEU A 24 -1.98 -0.03 -5.61
N LEU A 25 -1.33 1.05 -6.02
CA LEU A 25 -2.05 2.15 -6.63
C LEU A 25 -1.72 2.39 -8.09
N SER A 26 -0.52 1.99 -8.49
CA SER A 26 -0.03 2.20 -9.86
C SER A 26 -1.11 1.94 -10.90
N THR A 27 -1.76 0.82 -10.73
CA THR A 27 -2.81 0.36 -11.62
C THR A 27 -3.97 1.37 -11.69
N PHE A 28 -4.28 1.98 -10.56
CA PHE A 28 -5.37 2.95 -10.46
C PHE A 28 -5.14 4.14 -11.38
N LEU A 29 -4.01 4.80 -11.21
CA LEU A 29 -3.67 5.97 -12.00
C LEU A 29 -2.15 6.09 -12.14
N GLY A 3 -5.64 -2.13 13.23
CA GLY A 3 -4.65 -3.20 13.49
C GLY A 3 -3.22 -2.70 13.34
N TYR A 4 -2.26 -3.56 13.63
CA TYR A 4 -0.86 -3.19 13.53
C TYR A 4 -0.46 -3.14 12.05
N ILE A 5 -0.05 -1.95 11.60
CA ILE A 5 0.34 -1.78 10.21
C ILE A 5 1.84 -1.93 10.03
N PRO A 6 2.27 -2.96 9.28
CA PRO A 6 3.69 -3.23 9.02
C PRO A 6 4.25 -2.33 7.92
N ARG A 7 5.43 -2.69 7.43
CA ARG A 7 6.09 -1.96 6.36
C ARG A 7 5.41 -2.32 5.04
N ALA A 8 5.09 -1.30 4.25
CA ALA A 8 4.44 -1.52 2.98
C ALA A 8 5.31 -2.36 2.06
N PRO A 9 4.77 -3.45 1.50
CA PRO A 9 5.50 -4.34 0.59
C PRO A 9 5.70 -3.70 -0.79
N ARG A 10 6.49 -2.66 -0.81
CA ARG A 10 6.78 -1.92 -2.03
C ARG A 10 7.94 -2.52 -2.79
N ASP A 11 7.76 -3.75 -3.10
CA ASP A 11 8.73 -4.55 -3.84
C ASP A 11 8.31 -4.67 -5.31
N GLY A 12 7.97 -3.53 -5.89
CA GLY A 12 7.53 -3.51 -7.27
C GLY A 12 6.07 -3.15 -7.33
N GLN A 13 5.50 -2.89 -6.15
CA GLN A 13 4.13 -2.52 -5.97
C GLN A 13 4.07 -1.36 -5.00
N ALA A 14 3.69 -0.23 -5.53
CA ALA A 14 3.58 1.01 -4.76
C ALA A 14 2.26 1.08 -4.02
N TYR A 15 2.29 0.93 -2.70
CA TYR A 15 1.06 1.01 -1.94
C TYR A 15 0.81 2.40 -1.39
N VAL A 16 -0.44 2.83 -1.51
CA VAL A 16 -0.86 4.13 -1.01
C VAL A 16 -1.53 3.92 0.33
N ARG A 17 -1.55 4.98 1.13
CA ARG A 17 -2.13 4.93 2.46
C ARG A 17 -3.64 5.12 2.47
N LYS A 18 -4.33 4.17 3.05
CA LYS A 18 -5.77 4.25 3.22
C LYS A 18 -6.02 4.20 4.71
N ASP A 19 -7.27 4.29 5.15
CA ASP A 19 -7.50 4.25 6.59
C ASP A 19 -7.15 2.87 7.09
N GLY A 20 -5.99 2.81 7.67
CA GLY A 20 -5.44 1.60 8.23
C GLY A 20 -5.22 0.49 7.21
N GLU A 21 -5.29 0.82 5.92
CA GLU A 21 -5.13 -0.19 4.86
C GLU A 21 -4.02 0.15 3.85
N TRP A 22 -3.37 -0.90 3.33
CA TRP A 22 -2.36 -0.76 2.28
C TRP A 22 -2.93 -1.30 1.00
N VAL A 23 -2.78 -0.51 -0.03
CA VAL A 23 -3.32 -0.84 -1.33
C VAL A 23 -2.39 -0.44 -2.45
N LEU A 24 -2.46 -1.13 -3.58
CA LEU A 24 -1.62 -0.78 -4.70
C LEU A 24 -2.17 0.46 -5.39
N LEU A 25 -1.28 1.34 -5.82
CA LEU A 25 -1.73 2.57 -6.44
C LEU A 25 -1.36 2.63 -7.91
N SER A 26 -0.28 1.95 -8.25
CA SER A 26 0.23 1.91 -9.63
C SER A 26 -0.90 1.63 -10.60
N THR A 27 -1.67 0.65 -10.21
CA THR A 27 -2.82 0.18 -10.97
C THR A 27 -3.81 1.29 -11.30
N PHE A 28 -3.93 2.25 -10.39
CA PHE A 28 -4.84 3.37 -10.54
C PHE A 28 -4.60 4.19 -11.80
N LEU A 29 -3.34 4.32 -12.20
CA LEU A 29 -3.02 5.08 -13.40
C LEU A 29 -2.33 4.21 -14.43
N GLY A 3 -3.89 0.59 16.14
CA GLY A 3 -3.37 -0.68 15.56
C GLY A 3 -2.06 -0.48 14.83
N TYR A 4 -1.19 -1.47 14.89
CA TYR A 4 0.10 -1.41 14.22
C TYR A 4 -0.04 -1.85 12.77
N ILE A 5 0.30 -0.96 11.84
CA ILE A 5 0.22 -1.27 10.42
C ILE A 5 1.54 -1.82 9.94
N PRO A 6 1.54 -3.01 9.29
CA PRO A 6 2.77 -3.63 8.80
C PRO A 6 3.40 -2.84 7.66
N ARG A 7 4.71 -2.99 7.47
CA ARG A 7 5.39 -2.28 6.40
C ARG A 7 4.98 -2.89 5.06
N ALA A 8 4.38 -2.07 4.21
CA ALA A 8 3.93 -2.52 2.89
C ALA A 8 5.08 -2.97 2.02
N PRO A 9 4.89 -4.11 1.31
CA PRO A 9 5.89 -4.64 0.39
C PRO A 9 5.81 -3.90 -0.95
N ARG A 10 5.93 -2.59 -0.88
CA ARG A 10 5.84 -1.74 -2.05
C ARG A 10 7.17 -1.55 -2.74
N ASP A 11 7.63 -2.65 -3.25
CA ASP A 11 8.88 -2.69 -3.99
C ASP A 11 8.60 -2.69 -5.49
N GLY A 12 7.72 -3.58 -5.92
CA GLY A 12 7.34 -3.64 -7.31
C GLY A 12 5.88 -3.33 -7.48
N GLN A 13 5.29 -2.84 -6.39
CA GLN A 13 3.90 -2.49 -6.34
C GLN A 13 3.70 -1.40 -5.30
N ALA A 14 3.48 -0.20 -5.79
CA ALA A 14 3.28 0.98 -4.95
C ALA A 14 2.03 0.85 -4.10
N TYR A 15 2.14 1.00 -2.79
CA TYR A 15 0.95 0.89 -1.95
C TYR A 15 0.58 2.21 -1.30
N VAL A 16 -0.69 2.59 -1.47
CA VAL A 16 -1.23 3.82 -0.89
C VAL A 16 -1.82 3.48 0.48
N ARG A 17 -2.02 4.50 1.30
CA ARG A 17 -2.52 4.29 2.65
C ARG A 17 -4.05 4.36 2.78
N LYS A 18 -4.63 3.28 3.29
CA LYS A 18 -6.05 3.22 3.59
C LYS A 18 -6.14 3.26 5.11
N ASP A 19 -7.34 3.47 5.67
CA ASP A 19 -7.49 3.56 7.13
C ASP A 19 -6.72 2.49 7.89
N GLY A 20 -6.57 1.37 7.24
CA GLY A 20 -5.81 0.27 7.79
C GLY A 20 -5.46 -0.76 6.73
N GLU A 21 -5.47 -0.36 5.47
CA GLU A 21 -5.18 -1.28 4.38
C GLU A 21 -4.07 -0.78 3.45
N TRP A 22 -3.30 -1.72 2.93
CA TRP A 22 -2.27 -1.40 1.96
C TRP A 22 -2.76 -1.83 0.60
N VAL A 23 -2.71 -0.91 -0.34
CA VAL A 23 -3.25 -1.13 -1.66
C VAL A 23 -2.31 -0.68 -2.77
N LEU A 24 -2.34 -1.37 -3.89
CA LEU A 24 -1.53 -1.01 -5.04
C LEU A 24 -2.13 0.23 -5.68
N LEU A 25 -1.30 1.18 -6.10
CA LEU A 25 -1.82 2.41 -6.66
C LEU A 25 -1.26 2.69 -8.05
N SER A 26 -0.05 2.22 -8.32
CA SER A 26 0.62 2.44 -9.62
C SER A 26 -0.31 2.20 -10.77
N THR A 27 -1.03 1.12 -10.63
CA THR A 27 -1.97 0.67 -11.62
C THR A 27 -3.08 1.70 -11.90
N PHE A 28 -3.39 2.49 -10.88
CA PHE A 28 -4.42 3.53 -10.97
C PHE A 28 -4.01 4.66 -11.91
N LEU A 29 -2.72 4.71 -12.27
CA LEU A 29 -2.20 5.76 -13.14
C LEU A 29 -2.40 5.41 -14.62
#